data_5WUY
#
_entry.id   5WUY
#
_cell.length_a   72.980
_cell.length_b   89.790
_cell.length_c   108.380
_cell.angle_alpha   90.00
_cell.angle_beta   90.00
_cell.angle_gamma   90.00
#
_symmetry.space_group_name_H-M   'P 21 2 21'
#
loop_
_entity.id
_entity.type
_entity.pdbx_description
1 polymer 'Chorismate synthase'
2 water water
#
_entity_poly.entity_id   1
_entity_poly.type   'polypeptide(L)'
_entity_poly.pdbx_seq_one_letter_code
;MAGNSIGQLFRVTTCGESHGVGLMAIVDGVPPGLALTEEDLQKDLDRRKPGTSKFATQRKEPDQVEIISGVFEGKTTGTP
IGLLIRNTDQKSKDYGNIAQTFRPGHADYTYTQKYGFRDYRGGGRSSARETAMRVAAGAIAKKYLAEKFGVLIRGHVTQI
GNEVAEKLDWNEVPNNPFFCGDVDAVPRFEALVTSLREQGTSCGAKLEILAEKVPVGWGEPVFDRLDADIAHAMMSINAV
KGVEIGDGFAVAGQFGHETRDELTSHGFLANHAGGILGGISSGQTIRVAIALKPTASITTPGKTINLNREDTDVLTKGRH
DPCVGVRATPIAEAMLAIVLMDHFLRHRAQNADVVPPFAPIEP
;
_entity_poly.pdbx_strand_id   A,B
#
# COMPACT_ATOMS: atom_id res chain seq x y z
N MET A 1 18.47 9.45 2.24
CA MET A 1 17.37 8.75 2.96
C MET A 1 16.18 9.70 2.77
N ALA A 2 15.95 9.93 1.50
CA ALA A 2 15.14 11.07 1.11
C ALA A 2 13.71 11.01 1.29
N GLY A 3 13.03 9.98 1.66
CA GLY A 3 11.69 10.39 1.72
C GLY A 3 11.30 10.57 3.17
N ASN A 4 11.46 11.78 3.74
CA ASN A 4 11.42 11.96 5.20
C ASN A 4 10.12 12.63 5.65
N SER A 5 9.13 12.61 4.79
CA SER A 5 7.90 13.29 5.06
C SER A 5 6.73 12.38 4.68
N ILE A 6 5.64 12.48 5.45
CA ILE A 6 4.38 11.80 5.11
C ILE A 6 3.14 12.63 5.55
N GLY A 7 2.09 12.60 4.73
CA GLY A 7 0.87 13.37 4.94
C GLY A 7 0.78 14.63 4.10
N GLN A 8 -0.45 15.13 3.88
CA GLN A 8 -0.71 16.39 3.21
C GLN A 8 -1.07 17.49 4.26
N LEU A 9 -2.05 17.22 5.11
CA LEU A 9 -2.46 18.21 6.13
C LEU A 9 -1.92 17.87 7.55
N PHE A 10 -2.06 16.62 7.97
CA PHE A 10 -1.30 16.09 9.10
C PHE A 10 -0.03 15.57 8.46
N ARG A 11 1.06 16.28 8.66
CA ARG A 11 2.29 16.05 7.96
C ARG A 11 3.32 15.81 9.03
N VAL A 12 4.11 14.76 8.85
CA VAL A 12 5.23 14.45 9.74
C VAL A 12 6.50 14.42 8.91
N THR A 13 7.47 15.24 9.31
CA THR A 13 8.75 15.33 8.61
C THR A 13 9.81 14.97 9.59
N THR A 14 10.73 14.09 9.20
CA THR A 14 11.72 13.56 10.11
C THR A 14 13.14 13.60 9.59
N CYS A 15 14.04 13.37 10.52
CA CYS A 15 15.46 13.26 10.23
C CYS A 15 16.17 12.65 11.43
N GLY A 16 17.42 12.28 11.25
CA GLY A 16 18.20 11.66 12.30
C GLY A 16 18.69 10.28 11.91
N GLU A 17 19.98 10.06 12.13
CA GLU A 17 20.59 8.74 11.96
C GLU A 17 20.62 8.09 13.35
N SER A 18 20.55 6.76 13.39
CA SER A 18 20.65 5.99 14.65
C SER A 18 21.94 6.22 15.52
N HIS A 19 23.05 6.54 14.88
CA HIS A 19 24.28 6.97 15.60
C HIS A 19 24.67 8.39 15.31
N GLY A 20 23.70 9.18 14.85
CA GLY A 20 23.84 10.63 14.78
C GLY A 20 23.54 11.21 16.14
N VAL A 21 23.58 12.53 16.22
CA VAL A 21 23.44 13.23 17.50
C VAL A 21 22.03 13.05 18.08
N GLY A 22 21.04 13.07 17.22
CA GLY A 22 19.68 12.92 17.68
C GLY A 22 18.70 12.70 16.56
N LEU A 23 17.43 12.66 16.91
CA LEU A 23 16.37 12.37 15.98
C LEU A 23 15.37 13.47 16.11
N MET A 24 14.67 13.80 15.04
CA MET A 24 13.78 14.92 15.05
C MET A 24 12.59 14.65 14.20
N ALA A 25 11.50 15.31 14.57
CA ALA A 25 10.35 15.37 13.72
C ALA A 25 9.76 16.76 13.81
N ILE A 26 9.11 17.19 12.75
CA ILE A 26 8.24 18.33 12.79
C ILE A 26 6.87 17.82 12.37
N VAL A 27 5.87 18.01 13.22
CA VAL A 27 4.54 17.53 12.98
C VAL A 27 3.60 18.71 12.74
N ASP A 28 3.04 18.82 11.55
CA ASP A 28 2.13 19.90 11.17
C ASP A 28 0.68 19.49 11.23
N GLY A 29 -0.20 20.45 11.49
CA GLY A 29 -1.67 20.26 11.29
C GLY A 29 -2.54 19.84 12.46
N VAL A 30 -1.93 19.59 13.60
CA VAL A 30 -2.68 19.21 14.79
C VAL A 30 -3.39 20.49 15.26
N PRO A 31 -4.72 20.46 15.32
CA PRO A 31 -5.47 21.61 15.85
C PRO A 31 -5.09 22.07 17.26
N PRO A 32 -5.42 23.32 17.61
CA PRO A 32 -5.17 23.71 18.98
C PRO A 32 -6.12 23.03 19.97
N GLY A 33 -5.67 22.92 21.22
CA GLY A 33 -6.53 22.49 22.33
C GLY A 33 -6.48 21.04 22.77
N LEU A 34 -5.58 20.25 22.18
CA LEU A 34 -5.33 18.89 22.63
C LEU A 34 -4.33 18.90 23.76
N ALA A 35 -4.66 18.18 24.82
CA ALA A 35 -3.80 18.09 26.00
C ALA A 35 -2.69 17.20 25.61
N LEU A 36 -1.46 17.65 25.80
CA LEU A 36 -0.33 16.89 25.32
C LEU A 36 0.92 17.19 26.09
N THR A 37 1.66 16.15 26.38
CA THR A 37 2.89 16.30 27.09
C THR A 37 3.89 15.20 26.73
N GLU A 38 5.16 15.38 27.09
CA GLU A 38 6.19 14.37 26.76
C GLU A 38 5.65 12.99 27.12
N GLU A 39 5.10 12.87 28.32
CA GLU A 39 4.65 11.54 28.81
C GLU A 39 3.71 10.83 27.87
N ASP A 40 2.79 11.56 27.27
CA ASP A 40 1.83 10.96 26.34
C ASP A 40 2.52 10.32 25.12
N LEU A 41 3.70 10.82 24.81
CA LEU A 41 4.49 10.30 23.72
C LEU A 41 5.40 9.16 24.19
N GLN A 42 6.04 9.32 25.35
CA GLN A 42 6.91 8.28 25.92
C GLN A 42 6.18 6.99 26.12
N LYS A 43 4.98 7.07 26.67
CA LYS A 43 4.15 5.88 26.87
C LYS A 43 4.11 5.02 25.63
N ASP A 44 3.84 5.61 24.47
CA ASP A 44 3.83 4.86 23.21
C ASP A 44 5.21 4.44 22.74
N LEU A 45 6.22 5.28 22.95
CA LEU A 45 7.60 4.88 22.67
C LEU A 45 8.01 3.65 23.47
N ASP A 46 7.76 3.69 24.78
CA ASP A 46 8.19 2.63 25.70
C ASP A 46 7.41 1.31 25.52
N ARG A 47 6.28 1.38 24.82
CA ARG A 47 5.53 0.18 24.39
C ARG A 47 6.19 -0.70 23.32
N ARG A 48 7.27 -0.23 22.69
CA ARG A 48 8.08 -1.05 21.77
C ARG A 48 8.73 -2.25 22.51
N LYS A 49 8.97 -2.08 23.80
CA LYS A 49 9.47 -3.13 24.66
C LYS A 49 8.35 -3.49 25.60
N PRO A 50 7.64 -4.59 25.34
CA PRO A 50 6.66 -4.99 26.34
C PRO A 50 7.35 -5.48 27.61
N GLU A 61 17.88 5.34 29.55
CA GLU A 61 17.29 4.41 30.50
C GLU A 61 15.77 4.62 30.58
N PRO A 62 15.15 4.78 29.43
CA PRO A 62 15.81 4.89 28.13
C PRO A 62 15.67 6.29 27.59
N ASP A 63 16.19 6.53 26.40
CA ASP A 63 16.14 7.87 25.76
C ASP A 63 14.80 8.61 25.61
N GLN A 64 14.81 9.86 26.04
CA GLN A 64 13.59 10.60 26.29
C GLN A 64 13.26 11.65 25.20
N VAL A 65 12.06 11.53 24.62
CA VAL A 65 11.52 12.54 23.68
C VAL A 65 11.22 13.88 24.35
N GLU A 66 11.51 14.97 23.65
CA GLU A 66 11.28 16.28 24.20
C GLU A 66 10.45 17.07 23.23
N ILE A 67 9.40 17.74 23.71
CA ILE A 67 8.57 18.62 22.86
C ILE A 67 9.20 20.02 22.81
N ILE A 68 9.61 20.44 21.64
CA ILE A 68 10.31 21.71 21.49
C ILE A 68 9.38 22.87 21.19
N SER A 69 8.27 22.62 20.52
CA SER A 69 7.37 23.66 20.09
C SER A 69 5.94 23.15 19.98
N GLY A 70 5.01 24.09 19.85
CA GLY A 70 3.63 23.80 19.56
C GLY A 70 2.72 23.45 20.73
N VAL A 71 3.23 23.57 21.96
CA VAL A 71 2.41 23.33 23.14
C VAL A 71 2.58 24.41 24.18
N PHE A 72 1.46 24.96 24.62
CA PHE A 72 1.47 25.98 25.67
C PHE A 72 0.61 25.50 26.84
N GLU A 73 1.20 25.64 28.02
CA GLU A 73 0.53 25.25 29.26
C GLU A 73 -0.23 23.96 29.08
N GLY A 74 0.49 22.95 28.60
CA GLY A 74 -0.07 21.61 28.37
C GLY A 74 -1.04 21.37 27.21
N LYS A 75 -1.20 22.34 26.30
CA LYS A 75 -2.15 22.22 25.18
C LYS A 75 -1.51 22.55 23.82
N THR A 76 -1.94 21.88 22.77
CA THR A 76 -1.44 22.24 21.46
C THR A 76 -1.89 23.62 21.12
N THR A 77 -1.00 24.41 20.52
CA THR A 77 -1.34 25.76 20.06
C THR A 77 -1.86 25.83 18.62
N GLY A 78 -1.68 24.76 17.88
CA GLY A 78 -2.02 24.80 16.48
C GLY A 78 -0.83 25.07 15.59
N THR A 79 0.33 25.41 16.16
CA THR A 79 1.58 25.59 15.40
C THR A 79 2.38 24.32 15.26
N PRO A 80 3.37 24.28 14.34
CA PRO A 80 4.12 23.04 14.17
C PRO A 80 4.78 22.62 15.44
N ILE A 81 4.66 21.32 15.71
CA ILE A 81 5.16 20.70 16.90
C ILE A 81 6.47 20.05 16.59
N GLY A 82 7.50 20.45 17.31
CA GLY A 82 8.84 19.91 17.11
C GLY A 82 9.16 18.91 18.19
N LEU A 83 9.70 17.75 17.77
CA LEU A 83 10.08 16.68 18.68
C LEU A 83 11.57 16.42 18.50
N LEU A 84 12.22 16.11 19.60
CA LEU A 84 13.62 15.81 19.61
C LEU A 84 13.87 14.61 20.52
N ILE A 85 14.71 13.69 20.06
CA ILE A 85 15.35 12.72 20.92
C ILE A 85 16.85 12.91 20.75
N ARG A 86 17.51 13.24 21.84
CA ARG A 86 18.96 13.26 21.88
C ARG A 86 19.43 11.82 22.11
N ASN A 87 20.27 11.30 21.22
CA ASN A 87 20.83 9.94 21.37
C ASN A 87 21.90 9.92 22.44
N THR A 88 21.63 9.24 23.55
CA THR A 88 22.66 8.95 24.55
C THR A 88 23.33 7.64 24.13
N ASP A 89 24.20 7.68 23.14
CA ASP A 89 24.79 6.43 22.66
C ASP A 89 25.69 5.77 23.71
N GLN A 90 25.92 6.49 24.80
CA GLN A 90 26.87 6.11 25.83
C GLN A 90 28.32 6.53 25.50
N LYS A 91 28.48 7.74 24.94
CA LYS A 91 29.78 8.30 24.60
C LYS A 91 30.68 7.30 23.84
N ARG A 125 23.10 -2.66 20.69
CA ARG A 125 23.07 -1.75 19.54
C ARG A 125 21.73 -1.86 18.84
N SER A 126 20.83 -0.92 19.11
CA SER A 126 19.42 -1.04 18.75
C SER A 126 18.89 -0.12 17.62
N SER A 127 17.94 -0.67 16.85
CA SER A 127 17.33 0.00 15.69
C SER A 127 15.95 0.59 16.03
N ALA A 128 15.57 0.54 17.31
CA ALA A 128 14.34 1.20 17.76
C ALA A 128 14.42 2.72 17.56
N ARG A 129 15.58 3.23 17.18
CA ARG A 129 15.76 4.67 16.99
C ARG A 129 15.14 5.15 15.68
N GLU A 130 15.17 4.33 14.64
CA GLU A 130 14.64 4.73 13.34
C GLU A 130 13.11 4.68 13.31
N THR A 131 12.51 4.18 14.38
CA THR A 131 11.08 4.00 14.49
C THR A 131 10.49 4.98 15.48
N ALA A 132 11.32 5.69 16.26
CA ALA A 132 10.85 6.53 17.36
C ALA A 132 9.98 7.74 16.97
N MET A 133 10.35 8.45 15.92
CA MET A 133 9.64 9.67 15.55
C MET A 133 8.29 9.33 14.94
N ARG A 134 8.20 8.24 14.22
CA ARG A 134 6.90 7.74 13.77
C ARG A 134 5.91 7.42 14.92
N VAL A 135 6.40 6.77 15.97
CA VAL A 135 5.58 6.38 17.09
C VAL A 135 5.21 7.56 17.95
N ALA A 136 6.16 8.43 18.21
CA ALA A 136 5.85 9.64 18.97
C ALA A 136 4.76 10.46 18.25
N ALA A 137 4.86 10.56 16.92
CA ALA A 137 3.93 11.38 16.16
C ALA A 137 2.60 10.69 15.99
N GLY A 138 2.60 9.36 15.84
CA GLY A 138 1.38 8.59 15.85
C GLY A 138 0.62 8.74 17.16
N ALA A 139 1.36 8.87 18.26
CA ALA A 139 0.79 9.06 19.60
C ALA A 139 -0.06 10.30 19.67
N ILE A 140 0.40 11.34 18.98
CA ILE A 140 -0.33 12.59 18.89
C ILE A 140 -1.62 12.42 18.10
N ALA A 141 -1.53 11.85 16.91
CA ALA A 141 -2.71 11.54 16.11
C ALA A 141 -3.70 10.67 16.86
N LYS A 142 -3.18 9.71 17.63
CA LYS A 142 -3.99 8.76 18.39
C LYS A 142 -4.82 9.44 19.45
N LYS A 143 -4.13 10.25 20.25
CA LYS A 143 -4.76 10.95 21.35
C LYS A 143 -5.84 11.87 20.84
N TYR A 144 -5.53 12.61 19.78
CA TYR A 144 -6.50 13.50 19.16
C TYR A 144 -7.73 12.74 18.66
N LEU A 145 -7.52 11.66 17.92
CA LEU A 145 -8.64 10.90 17.38
C LEU A 145 -9.52 10.20 18.45
N ALA A 146 -8.89 9.87 19.57
CA ALA A 146 -9.55 9.29 20.73
C ALA A 146 -10.42 10.33 21.45
N GLU A 147 -9.88 11.51 21.71
CA GLU A 147 -10.68 12.56 22.36
C GLU A 147 -11.81 13.09 21.48
N LYS A 148 -11.49 13.39 20.23
CA LYS A 148 -12.46 13.93 19.30
C LYS A 148 -13.59 12.96 18.95
N PHE A 149 -13.25 11.76 18.48
CA PHE A 149 -14.25 10.82 17.95
C PHE A 149 -14.35 9.53 18.72
N GLY A 150 -13.54 9.37 19.76
CA GLY A 150 -13.51 8.10 20.48
C GLY A 150 -12.90 7.01 19.66
N VAL A 151 -12.04 7.35 18.70
CA VAL A 151 -11.43 6.34 17.83
C VAL A 151 -10.41 5.56 18.64
N LEU A 152 -10.43 4.24 18.44
CA LEU A 152 -9.61 3.31 19.18
C LEU A 152 -8.86 2.49 18.14
N ILE A 153 -7.53 2.62 18.19
CA ILE A 153 -6.63 1.95 17.26
C ILE A 153 -5.78 1.02 18.09
N ARG A 154 -5.94 -0.29 17.86
CA ARG A 154 -5.14 -1.31 18.53
C ARG A 154 -4.78 -2.42 17.55
N GLY A 155 -3.59 -2.97 17.78
CA GLY A 155 -3.07 -4.10 17.02
C GLY A 155 -2.80 -5.31 17.91
N HIS A 156 -2.85 -6.48 17.30
CA HIS A 156 -2.47 -7.72 17.98
C HIS A 156 -1.85 -8.69 16.97
N VAL A 157 -0.92 -9.50 17.46
CA VAL A 157 -0.26 -10.54 16.68
C VAL A 157 -1.16 -11.75 16.58
N THR A 158 -1.58 -12.11 15.36
CA THR A 158 -2.41 -13.27 15.16
C THR A 158 -1.60 -14.51 14.85
N GLN A 159 -0.31 -14.36 14.52
CA GLN A 159 0.48 -15.50 14.08
C GLN A 159 1.96 -15.23 14.20
N ILE A 160 2.65 -16.23 14.74
CA ILE A 160 4.11 -16.25 14.77
C ILE A 160 4.48 -17.58 14.12
N GLY A 161 5.19 -17.55 12.99
CA GLY A 161 5.59 -18.78 12.33
C GLY A 161 4.48 -19.80 12.09
N ASN A 162 4.55 -20.97 12.77
CA ASN A 162 3.51 -22.05 12.66
C ASN A 162 2.42 -22.04 13.74
N GLU A 163 2.60 -21.18 14.73
CA GLU A 163 1.62 -20.97 15.75
C GLU A 163 0.62 -19.83 15.37
N VAL A 164 -0.69 -20.11 15.46
CA VAL A 164 -1.76 -19.08 15.26
C VAL A 164 -2.60 -18.84 16.52
N ALA A 165 -2.96 -17.57 16.76
CA ALA A 165 -3.94 -17.17 17.80
C ALA A 165 -5.32 -17.31 17.19
N GLU A 166 -6.26 -17.84 17.99
CA GLU A 166 -7.66 -18.05 17.56
C GLU A 166 -8.56 -16.88 18.03
N LYS A 167 -8.60 -16.65 19.33
CA LYS A 167 -9.52 -15.74 19.96
C LYS A 167 -8.86 -14.41 20.27
N LEU A 168 -9.67 -13.37 20.37
CA LEU A 168 -9.19 -12.01 20.70
C LEU A 168 -9.85 -11.47 21.98
N ASP A 169 -9.01 -11.20 22.98
CA ASP A 169 -9.43 -10.57 24.23
C ASP A 169 -8.51 -9.39 24.45
N TRP A 170 -9.00 -8.20 24.18
CA TRP A 170 -8.18 -6.98 24.33
C TRP A 170 -7.46 -6.80 25.67
N ASN A 171 -7.99 -7.42 26.71
CA ASN A 171 -7.41 -7.39 28.04
C ASN A 171 -6.16 -8.21 28.13
N GLU A 172 -6.09 -9.28 27.35
CA GLU A 172 -4.94 -10.14 27.33
C GLU A 172 -3.74 -9.50 26.62
N VAL A 173 -3.96 -8.64 25.64
CA VAL A 173 -2.86 -8.22 24.75
C VAL A 173 -1.66 -7.55 25.48
N PRO A 174 -1.90 -6.78 26.55
CA PRO A 174 -0.79 -6.26 27.35
C PRO A 174 -0.25 -7.20 28.44
N ASN A 175 -0.95 -8.31 28.72
CA ASN A 175 -0.52 -9.29 29.74
C ASN A 175 0.68 -10.14 29.37
N ASN A 176 0.96 -10.24 28.06
CA ASN A 176 2.07 -11.03 27.52
C ASN A 176 2.98 -10.18 26.62
N PRO A 177 4.19 -10.65 26.36
CA PRO A 177 5.10 -9.87 25.53
C PRO A 177 4.97 -10.13 24.00
N PHE A 178 3.85 -10.69 23.52
CA PHE A 178 3.62 -10.92 22.09
C PHE A 178 2.50 -10.11 21.46
N PHE A 179 1.91 -9.20 22.25
CA PHE A 179 0.70 -8.50 21.88
C PHE A 179 -0.38 -9.51 21.45
N CYS A 180 -0.42 -10.68 22.09
CA CYS A 180 -1.34 -11.73 21.68
C CYS A 180 -2.68 -11.60 22.42
N GLY A 181 -3.79 -11.68 21.69
CA GLY A 181 -5.13 -11.66 22.31
C GLY A 181 -5.72 -13.00 22.74
N ASP A 182 -5.00 -14.08 22.48
CA ASP A 182 -5.42 -15.43 22.87
C ASP A 182 -4.54 -15.95 24.01
N VAL A 183 -5.08 -16.02 25.22
CA VAL A 183 -4.33 -16.48 26.39
C VAL A 183 -3.87 -17.95 26.33
N ASP A 184 -4.60 -18.77 25.55
CA ASP A 184 -4.19 -20.16 25.30
C ASP A 184 -3.11 -20.32 24.20
N ALA A 185 -2.86 -19.26 23.41
CA ALA A 185 -1.77 -19.23 22.43
C ALA A 185 -0.46 -18.72 23.00
N VAL A 186 -0.54 -17.84 24.00
CA VAL A 186 0.67 -17.25 24.63
C VAL A 186 1.72 -18.32 24.97
N PRO A 187 1.33 -19.38 25.72
CA PRO A 187 2.22 -20.52 25.97
C PRO A 187 2.87 -21.13 24.73
N ARG A 188 2.08 -21.34 23.68
CA ARG A 188 2.58 -21.85 22.41
C ARG A 188 3.53 -20.88 21.67
N PHE A 189 3.17 -19.59 21.68
CA PHE A 189 4.07 -18.53 21.15
C PHE A 189 5.38 -18.51 21.95
N GLU A 190 5.30 -18.60 23.28
CA GLU A 190 6.47 -18.62 24.17
C GLU A 190 7.34 -19.84 23.91
N ALA A 191 6.71 -20.99 23.71
CA ALA A 191 7.46 -22.21 23.43
C ALA A 191 8.20 -22.09 22.10
N LEU A 192 7.49 -21.64 21.08
CA LEU A 192 8.05 -21.54 19.73
C LEU A 192 9.23 -20.59 19.73
N VAL A 193 9.08 -19.46 20.41
CA VAL A 193 10.09 -18.40 20.42
C VAL A 193 11.29 -18.88 21.22
N THR A 194 11.05 -19.46 22.40
CA THR A 194 12.13 -20.04 23.20
C THR A 194 12.98 -21.04 22.40
N SER A 195 12.34 -21.86 21.57
CA SER A 195 13.04 -22.82 20.70
C SER A 195 13.86 -22.10 19.65
N LEU A 196 13.21 -21.21 18.93
CA LEU A 196 13.88 -20.59 17.79
C LEU A 196 15.07 -19.78 18.25
N ARG A 197 15.04 -19.18 19.44
CA ARG A 197 16.24 -18.47 19.92
C ARG A 197 17.41 -19.40 20.16
N GLU A 198 17.16 -20.53 20.82
CA GLU A 198 18.20 -21.56 21.05
C GLU A 198 18.67 -22.25 19.76
N GLN A 199 17.77 -22.44 18.81
CA GLN A 199 18.16 -22.94 17.47
C GLN A 199 18.84 -21.88 16.60
N GLY A 200 18.65 -20.61 16.93
CA GLY A 200 19.16 -19.48 16.12
C GLY A 200 18.39 -19.27 14.82
N THR A 201 17.08 -19.42 14.87
CA THR A 201 16.22 -19.30 13.72
C THR A 201 15.20 -18.20 13.98
N SER A 202 14.74 -17.56 12.92
CA SER A 202 13.82 -16.44 13.08
C SER A 202 12.56 -16.90 12.40
N CYS A 203 11.43 -16.33 12.81
CA CYS A 203 10.18 -16.59 12.12
C CYS A 203 9.44 -15.29 11.82
N GLY A 204 8.55 -15.39 10.84
CA GLY A 204 7.73 -14.31 10.41
C GLY A 204 6.57 -14.13 11.35
N ALA A 205 5.80 -13.07 11.12
CA ALA A 205 4.59 -12.81 11.93
C ALA A 205 3.50 -12.20 11.09
N LYS A 206 2.30 -12.21 11.64
CA LYS A 206 1.16 -11.54 11.04
C LYS A 206 0.41 -10.79 12.12
N LEU A 207 0.24 -9.47 11.88
CA LEU A 207 -0.42 -8.55 12.79
C LEU A 207 -1.73 -8.15 12.16
N GLU A 208 -2.75 -7.97 13.00
CA GLU A 208 -4.02 -7.35 12.64
C GLU A 208 -4.06 -6.04 13.42
N ILE A 209 -4.38 -4.93 12.76
CA ILE A 209 -4.59 -3.63 13.42
C ILE A 209 -6.03 -3.22 13.13
N LEU A 210 -6.72 -2.80 14.18
CA LEU A 210 -8.09 -2.38 14.08
C LEU A 210 -8.22 -0.90 14.46
N ALA A 211 -9.04 -0.17 13.72
CA ALA A 211 -9.42 1.20 14.08
C ALA A 211 -10.94 1.22 14.25
N GLU A 212 -11.40 1.51 15.46
CA GLU A 212 -12.83 1.45 15.76
C GLU A 212 -13.38 2.87 15.91
N LYS A 213 -14.67 3.02 15.60
CA LYS A 213 -15.44 4.28 15.74
C LYS A 213 -14.94 5.38 14.83
N VAL A 214 -14.43 4.98 13.67
CA VAL A 214 -13.92 5.91 12.67
C VAL A 214 -15.13 6.42 11.92
N PRO A 215 -15.28 7.74 11.83
CA PRO A 215 -16.41 8.28 11.08
C PRO A 215 -16.41 7.91 9.60
N VAL A 216 -17.59 7.80 9.02
CA VAL A 216 -17.82 7.59 7.59
C VAL A 216 -17.33 8.81 6.79
N GLY A 217 -16.91 8.62 5.55
CA GLY A 217 -16.51 9.69 4.66
C GLY A 217 -15.03 9.94 4.37
N TRP A 218 -14.12 9.38 5.18
CA TRP A 218 -12.69 9.70 5.08
C TRP A 218 -11.95 8.92 3.96
N GLY A 219 -11.12 9.64 3.21
CA GLY A 219 -10.36 9.05 2.12
C GLY A 219 -10.60 9.81 0.86
N GLU A 220 -9.66 9.70 -0.06
CA GLU A 220 -9.67 10.59 -1.23
C GLU A 220 -9.32 9.85 -2.53
N PRO A 221 -10.27 9.14 -3.12
CA PRO A 221 -10.07 8.55 -4.44
C PRO A 221 -9.76 9.69 -5.39
N VAL A 222 -9.10 9.49 -6.53
CA VAL A 222 -8.71 8.21 -7.11
C VAL A 222 -7.46 7.63 -6.45
N PHE A 223 -6.49 8.50 -6.16
CA PHE A 223 -5.12 8.08 -5.83
C PHE A 223 -4.77 8.12 -4.35
N ASP A 224 -5.55 8.84 -3.55
CA ASP A 224 -5.37 8.91 -2.10
C ASP A 224 -6.57 8.30 -1.36
N ARG A 225 -7.08 7.18 -1.84
CA ARG A 225 -8.05 6.40 -1.07
C ARG A 225 -7.44 6.03 0.25
N LEU A 226 -8.30 5.87 1.23
CA LEU A 226 -7.87 5.62 2.59
C LEU A 226 -7.03 4.30 2.66
N ASP A 227 -7.58 3.24 2.10
CA ASP A 227 -6.90 1.97 2.01
C ASP A 227 -5.54 2.13 1.32
N ALA A 228 -5.46 2.89 0.25
CA ALA A 228 -4.20 3.13 -0.42
C ALA A 228 -3.19 3.83 0.45
N ASP A 229 -3.62 4.83 1.21
CA ASP A 229 -2.69 5.51 2.10
C ASP A 229 -2.37 4.68 3.33
N ILE A 230 -3.29 3.79 3.72
CA ILE A 230 -3.00 2.84 4.81
C ILE A 230 -1.85 1.91 4.39
N ALA A 231 -1.97 1.36 3.19
CA ALA A 231 -1.06 0.36 2.71
C ALA A 231 0.32 0.96 2.58
N HIS A 232 0.35 2.11 1.94
CA HIS A 232 1.56 2.91 1.83
C HIS A 232 2.25 3.06 3.15
N ALA A 233 1.50 3.49 4.15
CA ALA A 233 2.04 3.75 5.48
C ALA A 233 2.55 2.49 6.18
N MET A 234 1.77 1.40 6.12
CA MET A 234 2.17 0.13 6.74
C MET A 234 3.48 -0.40 6.15
N MET A 235 3.65 -0.20 4.84
CA MET A 235 4.85 -0.65 4.15
C MET A 235 6.10 0.16 4.44
N SER A 236 6.01 1.24 5.21
CA SER A 236 7.20 1.93 5.76
C SER A 236 7.85 1.10 6.86
N ILE A 237 7.11 0.13 7.40
CA ILE A 237 7.63 -0.67 8.48
C ILE A 237 8.49 -1.73 7.83
N ASN A 238 9.73 -1.85 8.29
CA ASN A 238 10.63 -2.78 7.65
C ASN A 238 10.25 -4.23 8.02
N ALA A 239 10.27 -5.05 6.99
CA ALA A 239 9.92 -6.44 7.04
C ALA A 239 8.52 -6.77 6.62
N VAL A 240 7.71 -5.76 6.35
CA VAL A 240 6.35 -6.00 5.85
C VAL A 240 6.38 -6.48 4.41
N LYS A 241 5.75 -7.60 4.10
CA LYS A 241 5.66 -8.08 2.70
C LYS A 241 4.24 -8.10 2.13
N GLY A 242 3.27 -7.69 2.94
CA GLY A 242 1.91 -7.61 2.46
C GLY A 242 1.04 -6.79 3.38
N VAL A 243 0.04 -6.15 2.78
CA VAL A 243 -0.98 -5.43 3.55
C VAL A 243 -2.29 -5.83 2.97
N GLU A 244 -3.26 -6.06 3.83
CA GLU A 244 -4.58 -6.38 3.34
C GLU A 244 -5.62 -5.67 4.19
N ILE A 245 -6.74 -5.37 3.56
CA ILE A 245 -7.85 -4.67 4.21
C ILE A 245 -9.01 -5.63 4.22
N GLY A 246 -9.64 -5.77 5.39
CA GLY A 246 -10.81 -6.62 5.55
C GLY A 246 -10.47 -8.07 5.36
N ASP A 247 -11.28 -8.76 4.56
CA ASP A 247 -11.02 -10.17 4.24
C ASP A 247 -9.73 -10.40 3.48
N GLY A 248 -9.30 -9.37 2.76
CA GLY A 248 -7.94 -9.33 2.26
C GLY A 248 -7.70 -10.38 1.19
N PHE A 249 -6.62 -11.17 1.30
CA PHE A 249 -6.31 -12.15 0.27
C PHE A 249 -7.31 -13.30 0.15
N ALA A 250 -8.09 -13.59 1.19
CA ALA A 250 -9.23 -14.54 1.11
C ALA A 250 -10.18 -14.24 -0.05
N VAL A 251 -10.37 -12.96 -0.27
CA VAL A 251 -11.22 -12.42 -1.32
C VAL A 251 -11.08 -12.96 -2.73
N ALA A 252 -9.87 -13.35 -3.12
CA ALA A 252 -9.60 -13.97 -4.44
C ALA A 252 -10.33 -15.29 -4.63
N GLY A 253 -10.39 -16.07 -3.55
CA GLY A 253 -11.16 -17.31 -3.50
C GLY A 253 -12.63 -17.24 -3.07
N GLN A 254 -13.22 -16.04 -3.08
CA GLN A 254 -14.64 -15.84 -2.72
C GLN A 254 -15.56 -15.69 -3.92
N PHE A 255 -16.85 -15.86 -3.63
CA PHE A 255 -17.96 -15.73 -4.60
C PHE A 255 -18.98 -14.76 -4.01
N GLY A 256 -19.74 -14.08 -4.89
CA GLY A 256 -20.84 -13.20 -4.49
C GLY A 256 -22.20 -13.90 -4.50
N GLY A 267 -26.81 -8.83 7.79
CA GLY A 267 -25.67 -9.70 7.56
C GLY A 267 -24.52 -8.88 7.03
N PHE A 268 -24.84 -8.10 6.00
CA PHE A 268 -23.92 -7.29 5.20
C PHE A 268 -23.01 -6.62 6.14
N LEU A 269 -23.41 -6.50 7.39
CA LEU A 269 -22.48 -5.86 8.28
C LEU A 269 -21.26 -6.54 8.86
N ALA A 270 -21.02 -7.70 8.30
CA ALA A 270 -19.82 -8.46 8.43
C ALA A 270 -18.78 -7.66 7.67
N ASN A 271 -17.80 -7.15 8.36
CA ASN A 271 -16.83 -6.36 7.65
C ASN A 271 -15.98 -7.13 6.68
N HIS A 272 -16.55 -7.41 5.53
CA HIS A 272 -15.85 -8.10 4.45
C HIS A 272 -14.88 -7.07 3.89
N ALA A 273 -15.35 -5.82 3.85
CA ALA A 273 -14.53 -4.71 3.38
C ALA A 273 -13.56 -4.16 4.40
N GLY A 274 -13.64 -4.57 5.66
CA GLY A 274 -12.74 -4.06 6.70
C GLY A 274 -12.81 -2.55 6.93
N GLY A 275 -14.00 -2.00 6.71
CA GLY A 275 -14.33 -0.62 7.03
C GLY A 275 -13.99 0.41 5.97
N ILE A 276 -13.76 -0.03 4.74
CA ILE A 276 -13.46 0.88 3.66
C ILE A 276 -14.12 0.38 2.39
N LEU A 277 -14.91 1.26 1.77
CA LEU A 277 -15.67 0.94 0.58
C LEU A 277 -15.44 2.01 -0.47
N GLY A 278 -14.97 1.61 -1.65
CA GLY A 278 -14.63 2.57 -2.72
C GLY A 278 -13.57 3.58 -2.29
N GLY A 279 -12.65 3.10 -1.47
CA GLY A 279 -11.62 3.91 -0.86
C GLY A 279 -11.99 4.89 0.24
N ILE A 280 -13.23 4.86 0.72
CA ILE A 280 -13.65 5.77 1.80
C ILE A 280 -14.25 5.03 3.02
N SER A 281 -13.95 5.51 4.24
CA SER A 281 -14.44 4.86 5.46
C SER A 281 -15.97 4.65 5.46
N SER A 282 -16.38 3.48 5.95
CA SER A 282 -17.79 3.00 5.97
C SER A 282 -18.55 3.36 7.21
N GLY A 283 -17.82 3.67 8.29
CA GLY A 283 -18.41 3.72 9.60
C GLY A 283 -18.09 2.48 10.42
N GLN A 284 -17.76 1.38 9.76
CA GLN A 284 -17.49 0.09 10.44
C GLN A 284 -16.03 0.08 10.95
N THR A 285 -15.64 -0.99 11.64
CA THR A 285 -14.29 -1.03 12.20
C THR A 285 -13.32 -1.23 11.04
N ILE A 286 -12.16 -0.62 11.14
CA ILE A 286 -11.20 -0.68 10.07
C ILE A 286 -10.29 -1.81 10.42
N ARG A 287 -10.20 -2.78 9.53
CA ARG A 287 -9.37 -3.97 9.79
C ARG A 287 -8.25 -4.02 8.78
N VAL A 288 -7.04 -4.05 9.27
CA VAL A 288 -5.87 -4.09 8.41
C VAL A 288 -5.02 -5.21 8.94
N ALA A 289 -4.53 -6.06 8.05
CA ALA A 289 -3.51 -7.03 8.42
C ALA A 289 -2.27 -6.82 7.60
N ILE A 290 -1.13 -7.10 8.24
CA ILE A 290 0.18 -7.06 7.63
C ILE A 290 0.99 -8.35 7.95
N ALA A 291 1.91 -8.72 7.05
CA ALA A 291 2.76 -9.85 7.25
C ALA A 291 4.18 -9.38 7.27
N LEU A 292 4.90 -9.72 8.33
CA LEU A 292 6.32 -9.39 8.49
C LEU A 292 7.20 -10.62 8.28
N LYS A 293 8.24 -10.49 7.47
CA LYS A 293 9.15 -11.61 7.17
C LYS A 293 10.12 -11.92 8.33
N PRO A 294 10.70 -13.14 8.36
CA PRO A 294 11.77 -13.40 9.32
C PRO A 294 12.99 -12.50 9.09
N THR A 295 13.65 -12.08 10.17
CA THR A 295 14.96 -11.37 10.07
C THR A 295 16.17 -12.33 10.04
N ALA A 296 17.37 -11.76 10.09
CA ALA A 296 18.60 -12.53 10.31
C ALA A 296 19.70 -11.63 10.89
N LYS A 317 24.62 -9.95 24.51
CA LYS A 317 24.86 -11.39 24.62
C LYS A 317 23.57 -12.18 24.31
N GLY A 318 22.54 -11.97 25.13
CA GLY A 318 21.22 -12.55 24.90
C GLY A 318 20.35 -11.51 24.22
N ARG A 319 20.70 -11.24 22.96
CA ARG A 319 20.03 -10.23 22.10
C ARG A 319 19.84 -10.79 20.67
N HIS A 320 19.20 -11.95 20.62
CA HIS A 320 18.86 -12.61 19.37
C HIS A 320 17.37 -12.48 19.23
N ASP A 321 16.94 -12.03 18.05
CA ASP A 321 15.56 -11.58 17.80
C ASP A 321 14.81 -12.58 16.91
N PRO A 322 14.25 -13.68 17.49
CA PRO A 322 13.56 -14.69 16.68
C PRO A 322 12.38 -14.13 15.90
N CYS A 323 11.56 -13.33 16.59
CA CYS A 323 10.41 -12.67 15.95
C CYS A 323 10.27 -11.21 16.37
N VAL A 324 11.08 -10.39 15.72
CA VAL A 324 11.15 -8.97 16.00
C VAL A 324 9.83 -8.33 15.51
N GLY A 325 9.15 -9.02 14.58
CA GLY A 325 7.82 -8.66 14.10
C GLY A 325 6.70 -8.37 15.11
N VAL A 326 6.76 -8.91 16.31
CA VAL A 326 5.72 -8.59 17.30
C VAL A 326 5.91 -7.17 17.80
N ARG A 327 7.16 -6.74 17.91
CA ARG A 327 7.48 -5.39 18.36
C ARG A 327 7.08 -4.30 17.36
N ALA A 328 6.63 -4.70 16.19
CA ALA A 328 6.04 -3.82 15.15
C ALA A 328 4.60 -3.42 15.43
N THR A 329 3.98 -4.02 16.42
CA THR A 329 2.58 -3.69 16.70
C THR A 329 2.40 -2.20 17.01
N PRO A 330 3.23 -1.62 17.90
CA PRO A 330 3.01 -0.18 18.18
C PRO A 330 3.24 0.72 16.98
N ILE A 331 4.16 0.36 16.09
CA ILE A 331 4.42 1.21 14.96
C ILE A 331 3.32 1.05 13.90
N ALA A 332 2.74 -0.12 13.75
CA ALA A 332 1.59 -0.30 12.86
C ALA A 332 0.38 0.47 13.41
N GLU A 333 0.23 0.54 14.73
CA GLU A 333 -0.82 1.36 15.33
C GLU A 333 -0.58 2.81 15.00
N ALA A 334 0.65 3.24 15.20
CA ALA A 334 1.09 4.61 14.89
C ALA A 334 0.82 5.01 13.44
N MET A 335 1.18 4.14 12.50
CA MET A 335 1.02 4.49 11.10
C MET A 335 -0.43 4.61 10.74
N LEU A 336 -1.27 3.78 11.30
CA LEU A 336 -2.70 3.87 11.00
C LEU A 336 -3.33 5.16 11.57
N ALA A 337 -2.84 5.57 12.72
CA ALA A 337 -3.25 6.81 13.34
C ALA A 337 -2.84 8.03 12.50
N ILE A 338 -1.64 8.00 11.97
CA ILE A 338 -1.11 9.08 11.16
C ILE A 338 -1.93 9.28 9.89
N VAL A 339 -2.29 8.18 9.24
CA VAL A 339 -3.09 8.24 8.03
C VAL A 339 -4.53 8.69 8.35
N LEU A 340 -5.10 8.18 9.42
CA LEU A 340 -6.46 8.59 9.75
C LEU A 340 -6.49 10.08 10.10
N MET A 341 -5.48 10.53 10.85
CA MET A 341 -5.48 11.90 11.28
C MET A 341 -5.42 12.75 10.03
N ASP A 342 -4.52 12.41 9.12
CA ASP A 342 -4.43 13.13 7.87
C ASP A 342 -5.77 13.19 7.17
N HIS A 343 -6.48 12.08 7.07
CA HIS A 343 -7.71 12.05 6.27
C HIS A 343 -8.89 12.72 6.96
N PHE A 344 -8.80 12.76 8.28
CA PHE A 344 -9.70 13.56 9.05
C PHE A 344 -9.66 15.00 8.58
N LEU A 345 -8.48 15.61 8.71
CA LEU A 345 -8.27 16.99 8.30
C LEU A 345 -8.62 17.28 6.82
N ARG A 346 -8.27 16.38 5.93
CA ARG A 346 -8.63 16.55 4.54
C ARG A 346 -10.13 16.54 4.35
N HIS A 347 -10.79 15.65 5.07
CA HIS A 347 -12.24 15.58 5.03
C HIS A 347 -12.89 16.87 5.55
N ARG A 348 -12.33 17.38 6.63
CA ARG A 348 -12.82 18.60 7.21
C ARG A 348 -12.62 19.77 6.24
N ALA A 349 -11.43 19.87 5.66
CA ALA A 349 -11.13 20.91 4.67
C ALA A 349 -12.06 20.89 3.46
N GLN A 350 -12.51 19.70 3.07
CA GLN A 350 -13.32 19.54 1.84
C GLN A 350 -14.77 19.93 1.99
N ASN A 351 -15.27 19.91 3.20
CA ASN A 351 -16.66 20.28 3.47
C ASN A 351 -16.81 21.79 3.65
N ALA A 352 -17.69 22.38 2.87
CA ALA A 352 -17.86 23.82 2.96
C ALA A 352 -18.94 24.21 3.95
N MET B 1 -15.75 13.65 -3.85
CA MET B 1 -14.79 14.53 -4.64
C MET B 1 -13.47 13.80 -5.09
N ALA B 2 -12.26 14.29 -4.77
CA ALA B 2 -11.05 13.71 -5.37
C ALA B 2 -9.72 14.17 -4.79
N GLY B 3 -8.83 13.18 -4.64
CA GLY B 3 -7.38 13.31 -4.73
C GLY B 3 -6.93 12.85 -6.12
N ASN B 4 -6.67 13.81 -7.01
CA ASN B 4 -6.60 13.54 -8.44
C ASN B 4 -5.17 13.59 -9.01
N SER B 5 -4.17 13.49 -8.12
CA SER B 5 -2.79 13.58 -8.54
C SER B 5 -1.99 12.45 -7.88
N ILE B 6 -0.98 11.92 -8.60
CA ILE B 6 -0.04 10.91 -8.07
C ILE B 6 1.36 11.09 -8.65
N GLY B 7 2.37 10.89 -7.81
CA GLY B 7 3.79 11.11 -8.17
C GLY B 7 4.39 12.41 -7.67
N GLN B 8 5.71 12.43 -7.50
CA GLN B 8 6.46 13.61 -7.14
C GLN B 8 7.11 14.19 -8.40
N LEU B 9 7.87 13.39 -9.14
CA LEU B 9 8.54 13.90 -10.37
C LEU B 9 7.86 13.45 -11.66
N PHE B 10 7.51 12.18 -11.74
CA PHE B 10 6.57 11.70 -12.75
C PHE B 10 5.24 11.84 -12.07
N ARG B 11 4.45 12.81 -12.52
CA ARG B 11 3.21 13.18 -11.86
C ARG B 11 2.09 13.13 -12.87
N VAL B 12 0.99 12.53 -12.45
CA VAL B 12 -0.18 12.40 -13.28
C VAL B 12 -1.32 13.03 -12.53
N THR B 13 -1.99 13.97 -13.19
CA THR B 13 -3.10 14.67 -12.57
C THR B 13 -4.27 14.51 -13.47
N THR B 14 -5.43 14.16 -12.92
CA THR B 14 -6.58 13.77 -13.71
C THR B 14 -7.86 14.44 -13.29
N CYS B 15 -8.86 14.25 -14.15
CA CYS B 15 -10.21 14.69 -13.89
C CYS B 15 -11.15 14.01 -14.92
N GLY B 16 -12.45 14.14 -14.69
CA GLY B 16 -13.44 13.61 -15.60
C GLY B 16 -14.36 12.65 -14.91
N GLU B 17 -15.64 12.84 -15.14
CA GLU B 17 -16.69 11.90 -14.73
C GLU B 17 -16.87 10.95 -15.91
N SER B 18 -17.18 9.69 -15.59
CA SER B 18 -17.59 8.66 -16.60
C SER B 18 -18.77 9.07 -17.48
N HIS B 19 -19.67 9.86 -16.91
CA HIS B 19 -20.87 10.40 -17.56
C HIS B 19 -20.68 11.85 -18.08
N GLY B 20 -19.55 12.47 -17.71
CA GLY B 20 -19.29 13.87 -18.03
C GLY B 20 -18.83 14.00 -19.47
N VAL B 21 -18.46 15.19 -19.86
CA VAL B 21 -18.18 15.46 -21.26
C VAL B 21 -16.94 14.69 -21.72
N GLY B 22 -15.96 14.58 -20.84
CA GLY B 22 -14.71 13.92 -21.20
C GLY B 22 -13.81 13.66 -20.00
N LEU B 23 -12.63 13.15 -20.28
CA LEU B 23 -11.68 12.77 -19.26
C LEU B 23 -10.36 13.37 -19.66
N MET B 24 -9.59 13.80 -18.67
CA MET B 24 -8.31 14.51 -18.91
C MET B 24 -7.23 14.10 -17.93
N ALA B 25 -6.01 14.21 -18.40
CA ALA B 25 -4.85 14.02 -17.57
C ALA B 25 -3.82 15.01 -17.99
N ILE B 26 -3.02 15.44 -17.02
CA ILE B 26 -1.82 16.16 -17.30
C ILE B 26 -0.72 15.31 -16.68
N VAL B 27 0.27 14.92 -17.50
CA VAL B 27 1.40 14.07 -17.10
C VAL B 27 2.70 14.87 -17.16
N ASP B 28 3.35 15.06 -16.01
CA ASP B 28 4.59 15.83 -15.90
C ASP B 28 5.80 14.93 -15.82
N GLY B 29 6.95 15.40 -16.28
CA GLY B 29 8.26 14.78 -15.96
C GLY B 29 8.89 13.83 -16.97
N VAL B 30 8.17 13.55 -18.04
CA VAL B 30 8.65 12.65 -19.04
C VAL B 30 9.72 13.40 -19.81
N PRO B 31 10.94 12.84 -19.85
CA PRO B 31 12.02 13.51 -20.57
C PRO B 31 11.73 13.71 -22.06
N PRO B 32 12.40 14.67 -22.68
CA PRO B 32 12.25 14.89 -24.12
C PRO B 32 12.91 13.77 -24.89
N GLY B 33 12.40 13.49 -26.09
CA GLY B 33 13.02 12.51 -27.01
C GLY B 33 12.43 11.10 -27.10
N LEU B 34 11.35 10.84 -26.37
CA LEU B 34 10.63 9.58 -26.46
C LEU B 34 9.67 9.69 -27.65
N ALA B 35 9.77 8.77 -28.59
CA ALA B 35 8.77 8.63 -29.64
C ALA B 35 7.44 8.27 -28.98
N LEU B 36 6.39 8.99 -29.35
CA LEU B 36 5.09 8.79 -28.76
C LEU B 36 3.98 9.31 -29.67
N THR B 37 2.91 8.53 -29.78
CA THR B 37 1.71 8.90 -30.50
C THR B 37 0.49 8.36 -29.82
N GLU B 38 -0.67 8.84 -30.27
CA GLU B 38 -1.96 8.35 -29.75
C GLU B 38 -2.02 6.82 -29.74
N GLU B 39 -1.64 6.21 -30.85
CA GLU B 39 -1.61 4.75 -31.01
C GLU B 39 -0.92 4.00 -29.89
N ASP B 40 0.21 4.54 -29.43
CA ASP B 40 0.97 3.91 -28.33
C ASP B 40 0.17 3.86 -27.04
N LEU B 41 -0.76 4.80 -26.89
CA LEU B 41 -1.62 4.85 -25.71
C LEU B 41 -2.89 4.03 -25.92
N GLN B 42 -3.50 4.11 -27.11
CA GLN B 42 -4.72 3.31 -27.43
C GLN B 42 -4.49 1.84 -27.28
N LYS B 43 -3.35 1.37 -27.79
CA LYS B 43 -2.99 -0.05 -27.71
C LYS B 43 -3.16 -0.61 -26.28
N ASP B 44 -2.64 0.12 -25.29
CA ASP B 44 -2.88 -0.26 -23.89
C ASP B 44 -4.30 -0.02 -23.41
N LEU B 45 -4.96 1.05 -23.85
CA LEU B 45 -6.38 1.27 -23.50
C LEU B 45 -7.24 0.12 -23.98
N ASP B 46 -7.07 -0.25 -25.24
CA ASP B 46 -7.88 -1.31 -25.88
C ASP B 46 -7.61 -2.72 -25.33
N ARG B 47 -6.49 -2.89 -24.63
CA ARG B 47 -6.22 -4.14 -23.89
C ARG B 47 -7.09 -4.41 -22.66
N ARG B 48 -7.88 -3.43 -22.21
CA ARG B 48 -8.87 -3.63 -21.13
C ARG B 48 -9.94 -4.66 -21.48
N LYS B 49 -10.21 -4.78 -22.78
CA LYS B 49 -11.16 -5.76 -23.30
C LYS B 49 -10.47 -6.55 -24.37
N PRO B 50 -10.22 -7.81 -24.08
CA PRO B 50 -9.59 -8.70 -25.06
C PRO B 50 -10.17 -10.12 -25.06
N GLU B 61 -16.41 1.56 -32.58
CA GLU B 61 -15.01 1.89 -32.29
C GLU B 61 -14.95 2.61 -30.94
N PRO B 62 -14.15 2.10 -29.97
CA PRO B 62 -14.17 2.70 -28.62
C PRO B 62 -13.64 4.15 -28.56
N ASP B 63 -13.81 4.81 -27.41
CA ASP B 63 -13.51 6.22 -27.24
C ASP B 63 -11.99 6.45 -27.34
N GLN B 64 -11.61 7.42 -28.14
CA GLN B 64 -10.23 7.59 -28.55
C GLN B 64 -9.46 8.71 -27.80
N VAL B 65 -8.34 8.35 -27.18
CA VAL B 65 -7.44 9.29 -26.52
C VAL B 65 -6.75 10.24 -27.52
N GLU B 66 -6.59 11.49 -27.12
CA GLU B 66 -5.93 12.49 -27.96
C GLU B 66 -4.84 13.19 -27.16
N ILE B 67 -3.64 13.27 -27.72
CA ILE B 67 -2.54 13.98 -27.09
C ILE B 67 -2.68 15.47 -27.44
N ILE B 68 -2.92 16.28 -26.43
CA ILE B 68 -3.13 17.70 -26.64
C ILE B 68 -1.88 18.56 -26.54
N SER B 69 -0.85 18.09 -25.87
CA SER B 69 0.36 18.86 -25.70
C SER B 69 1.51 17.94 -25.35
N GLY B 70 2.71 18.49 -25.44
CA GLY B 70 3.94 17.78 -25.03
C GLY B 70 4.63 16.88 -26.01
N VAL B 71 4.13 16.88 -27.25
CA VAL B 71 4.74 16.11 -28.30
C VAL B 71 4.87 17.01 -29.52
N PHE B 72 6.09 17.13 -29.99
CA PHE B 72 6.34 17.81 -31.21
C PHE B 72 7.00 16.83 -32.17
N GLU B 73 6.52 16.85 -33.42
CA GLU B 73 7.03 15.99 -34.50
C GLU B 73 7.30 14.57 -33.99
N GLY B 74 6.27 13.97 -33.41
CA GLY B 74 6.36 12.59 -32.92
C GLY B 74 7.29 12.29 -31.75
N LYS B 75 7.86 13.32 -31.12
CA LYS B 75 8.74 13.12 -29.95
C LYS B 75 8.31 13.97 -28.73
N THR B 76 8.47 13.44 -27.53
CA THR B 76 8.15 14.20 -26.33
C THR B 76 9.07 15.42 -26.30
N THR B 77 8.51 16.58 -25.96
CA THR B 77 9.25 17.84 -25.86
C THR B 77 9.80 18.07 -24.48
N GLY B 78 9.33 17.31 -23.50
CA GLY B 78 9.82 17.52 -22.15
C GLY B 78 8.86 18.40 -21.36
N THR B 79 7.85 18.97 -22.01
CA THR B 79 6.83 19.76 -21.35
C THR B 79 5.72 18.87 -20.88
N PRO B 80 4.78 19.42 -20.09
CA PRO B 80 3.64 18.62 -19.66
C PRO B 80 2.75 18.14 -20.79
N ILE B 81 2.43 16.85 -20.71
CA ILE B 81 1.69 16.14 -21.71
C ILE B 81 0.25 16.11 -21.31
N GLY B 82 -0.60 16.66 -22.15
CA GLY B 82 -2.04 16.68 -21.88
C GLY B 82 -2.73 15.59 -22.68
N LEU B 83 -3.61 14.84 -22.01
CA LEU B 83 -4.40 13.80 -22.62
C LEU B 83 -5.88 14.13 -22.47
N LEU B 84 -6.65 13.79 -23.50
CA LEU B 84 -8.07 14.01 -23.51
C LEU B 84 -8.76 12.79 -24.05
N ILE B 85 -9.84 12.39 -23.41
CA ILE B 85 -10.82 11.53 -24.07
C ILE B 85 -12.13 12.28 -24.04
N ARG B 86 -12.72 12.47 -25.21
CA ARG B 86 -14.09 12.95 -25.31
C ARG B 86 -15.04 11.74 -25.20
N ASN B 87 -15.98 11.80 -24.28
CA ASN B 87 -16.94 10.71 -24.11
C ASN B 87 -18.02 10.78 -25.17
N THR B 88 -18.04 9.77 -26.04
CA THR B 88 -19.15 9.49 -26.92
C THR B 88 -20.13 8.61 -26.13
N ASP B 89 -20.73 9.19 -25.10
CA ASP B 89 -21.89 8.60 -24.45
C ASP B 89 -22.95 8.94 -25.48
N GLN B 90 -23.52 7.93 -26.13
CA GLN B 90 -24.36 8.15 -27.32
C GLN B 90 -25.61 8.97 -26.99
N LYS B 91 -25.79 10.08 -27.72
CA LYS B 91 -27.00 10.90 -27.60
C LYS B 91 -28.26 10.04 -27.56
N ARG B 125 -23.27 3.31 -16.91
CA ARG B 125 -22.14 3.80 -16.17
C ARG B 125 -21.00 2.78 -16.13
N SER B 126 -20.41 2.52 -17.31
CA SER B 126 -19.30 1.57 -17.45
C SER B 126 -17.99 2.19 -16.93
N SER B 127 -17.34 1.47 -16.02
CA SER B 127 -16.16 1.95 -15.29
C SER B 127 -14.83 1.57 -15.96
N ALA B 128 -14.84 1.32 -17.27
CA ALA B 128 -13.62 1.45 -18.07
C ALA B 128 -13.20 2.92 -18.33
N ARG B 129 -14.12 3.86 -18.18
CA ARG B 129 -13.81 5.28 -18.37
C ARG B 129 -13.14 5.88 -17.14
N GLU B 130 -13.38 5.27 -15.99
CA GLU B 130 -12.75 5.66 -14.70
C GLU B 130 -11.25 5.27 -14.59
N THR B 131 -10.86 4.35 -15.46
CA THR B 131 -9.53 3.72 -15.49
C THR B 131 -8.67 4.22 -16.67
N ALA B 132 -9.26 4.92 -17.64
CA ALA B 132 -8.57 5.23 -18.90
C ALA B 132 -7.32 6.11 -18.78
N MET B 133 -7.37 7.14 -17.94
CA MET B 133 -6.26 8.09 -17.86
C MET B 133 -5.05 7.50 -17.16
N ARG B 134 -5.32 6.66 -16.18
CA ARG B 134 -4.27 5.90 -15.57
C ARG B 134 -3.51 5.02 -16.58
N VAL B 135 -4.26 4.30 -17.41
CA VAL B 135 -3.68 3.35 -18.38
C VAL B 135 -2.97 4.06 -19.49
N ALA B 136 -3.55 5.14 -19.98
CA ALA B 136 -2.89 5.96 -21.01
C ALA B 136 -1.56 6.54 -20.51
N ALA B 137 -1.57 6.98 -19.25
CA ALA B 137 -0.38 7.55 -18.64
C ALA B 137 0.64 6.47 -18.29
N GLY B 138 0.19 5.30 -17.83
CA GLY B 138 1.09 4.20 -17.58
C GLY B 138 1.81 3.79 -18.83
N ALA B 139 1.12 3.86 -19.97
CA ALA B 139 1.66 3.50 -21.27
C ALA B 139 2.86 4.33 -21.59
N ILE B 140 2.80 5.60 -21.24
CA ILE B 140 3.92 6.49 -21.45
C ILE B 140 5.07 6.06 -20.59
N ALA B 141 4.81 5.82 -19.31
CA ALA B 141 5.87 5.32 -18.40
C ALA B 141 6.47 3.99 -18.86
N LYS B 142 5.61 3.10 -19.40
CA LYS B 142 6.03 1.76 -19.88
C LYS B 142 7.00 1.91 -21.03
N LYS B 143 6.56 2.65 -22.04
CA LYS B 143 7.34 2.83 -23.25
C LYS B 143 8.70 3.43 -22.92
N TYR B 144 8.72 4.45 -22.07
CA TYR B 144 10.00 5.04 -21.67
C TYR B 144 10.88 4.03 -20.92
N LEU B 145 10.34 3.32 -19.95
CA LEU B 145 11.17 2.37 -19.20
C LEU B 145 11.71 1.17 -20.02
N ALA B 146 10.95 0.78 -21.05
CA ALA B 146 11.32 -0.27 -21.98
C ALA B 146 12.47 0.17 -22.85
N GLU B 147 12.39 1.37 -23.42
CA GLU B 147 13.46 1.86 -24.28
C GLU B 147 14.71 2.13 -23.48
N LYS B 148 14.57 2.81 -22.37
CA LYS B 148 15.73 3.22 -21.59
C LYS B 148 16.46 2.07 -20.92
N PHE B 149 15.71 1.16 -20.31
CA PHE B 149 16.32 0.09 -19.52
C PHE B 149 15.95 -1.31 -19.93
N GLY B 150 15.03 -1.45 -20.88
CA GLY B 150 14.49 -2.77 -21.17
C GLY B 150 13.60 -3.33 -20.05
N VAL B 151 12.97 -2.44 -19.33
CA VAL B 151 12.09 -2.88 -18.31
C VAL B 151 10.80 -3.35 -18.96
N LEU B 152 10.34 -4.49 -18.47
CA LEU B 152 9.19 -5.19 -19.02
C LEU B 152 8.24 -5.43 -17.87
N ILE B 153 7.04 -4.88 -18.00
CA ILE B 153 6.05 -4.94 -16.95
C ILE B 153 4.85 -5.63 -17.52
N ARG B 154 4.43 -6.67 -16.81
CA ARG B 154 3.52 -7.70 -17.32
C ARG B 154 2.80 -8.35 -16.16
N GLY B 155 1.49 -8.50 -16.29
CA GLY B 155 0.66 -9.12 -15.28
C GLY B 155 -0.13 -10.33 -15.83
N HIS B 156 -0.47 -11.26 -14.94
CA HIS B 156 -1.26 -12.45 -15.29
C HIS B 156 -2.10 -12.86 -14.12
N VAL B 157 -3.29 -13.37 -14.43
CA VAL B 157 -4.22 -13.84 -13.42
C VAL B 157 -3.79 -15.22 -12.99
N THR B 158 -3.48 -15.39 -11.71
CA THR B 158 -3.10 -16.69 -11.15
C THR B 158 -4.30 -17.43 -10.55
N GLN B 159 -5.42 -16.73 -10.34
CA GLN B 159 -6.55 -17.36 -9.66
C GLN B 159 -7.84 -16.62 -9.93
N ILE B 160 -8.87 -17.40 -10.23
CA ILE B 160 -10.25 -16.93 -10.35
C ILE B 160 -11.03 -17.79 -9.39
N GLY B 161 -11.64 -17.23 -8.36
CA GLY B 161 -12.41 -18.05 -7.41
C GLY B 161 -11.60 -19.27 -6.96
N ASN B 162 -12.15 -20.47 -7.16
CA ASN B 162 -11.52 -21.74 -6.69
C ASN B 162 -10.60 -22.45 -7.71
N GLU B 163 -10.43 -21.87 -8.90
CA GLU B 163 -9.50 -22.37 -9.92
C GLU B 163 -8.17 -21.59 -9.85
N VAL B 164 -7.05 -22.30 -9.79
CA VAL B 164 -5.71 -21.67 -9.77
C VAL B 164 -4.87 -22.06 -10.98
N ALA B 165 -4.16 -21.09 -11.55
CA ALA B 165 -3.19 -21.37 -12.58
C ALA B 165 -1.95 -21.86 -11.86
N GLU B 166 -1.29 -22.89 -12.42
CA GLU B 166 -0.16 -23.59 -11.76
C GLU B 166 1.22 -23.32 -12.39
N LYS B 167 1.25 -22.56 -13.49
CA LYS B 167 2.46 -22.40 -14.28
C LYS B 167 2.30 -21.25 -15.26
N LEU B 168 3.40 -20.67 -15.65
CA LEU B 168 3.40 -19.42 -16.37
C LEU B 168 4.12 -19.56 -17.72
N ASP B 169 3.40 -19.27 -18.80
CA ASP B 169 3.95 -19.16 -20.13
C ASP B 169 3.51 -17.83 -20.71
N TRP B 170 4.42 -16.86 -20.76
CA TRP B 170 4.08 -15.50 -21.26
C TRP B 170 3.45 -15.40 -22.66
N ASN B 171 3.72 -16.40 -23.52
CA ASN B 171 3.12 -16.47 -24.87
C ASN B 171 1.66 -16.87 -24.80
N GLU B 172 1.25 -17.57 -23.73
CA GLU B 172 -0.15 -17.97 -23.52
C GLU B 172 -1.07 -16.86 -23.02
N VAL B 173 -0.54 -15.86 -22.31
CA VAL B 173 -1.42 -14.85 -21.64
C VAL B 173 -2.30 -14.01 -22.62
N PRO B 174 -1.79 -13.64 -23.81
CA PRO B 174 -2.66 -12.99 -24.81
C PRO B 174 -3.59 -13.92 -25.62
N ASN B 175 -3.34 -15.23 -25.62
CA ASN B 175 -4.16 -16.17 -26.37
C ASN B 175 -5.57 -16.39 -25.81
N ASN B 176 -5.77 -16.07 -24.53
CA ASN B 176 -7.06 -16.30 -23.85
C ASN B 176 -7.55 -15.03 -23.19
N PRO B 177 -8.86 -14.96 -22.91
CA PRO B 177 -9.41 -13.71 -22.37
C PRO B 177 -9.32 -13.55 -20.83
N PHE B 178 -8.50 -14.36 -20.16
CA PHE B 178 -8.30 -14.29 -18.69
C PHE B 178 -6.94 -13.75 -18.29
N PHE B 179 -6.09 -13.41 -19.26
CA PHE B 179 -4.66 -13.13 -19.01
C PHE B 179 -3.93 -14.28 -18.27
N CYS B 180 -4.31 -15.52 -18.59
CA CYS B 180 -3.82 -16.70 -17.85
C CYS B 180 -2.62 -17.30 -18.54
N GLY B 181 -1.57 -17.54 -17.76
CA GLY B 181 -0.33 -18.10 -18.29
C GLY B 181 -0.27 -19.60 -18.33
N ASP B 182 -1.32 -20.26 -17.84
CA ASP B 182 -1.39 -21.74 -17.81
C ASP B 182 -2.44 -22.20 -18.81
N VAL B 183 -1.97 -22.69 -19.96
CA VAL B 183 -2.86 -23.01 -21.10
C VAL B 183 -3.84 -24.17 -20.79
N ASP B 184 -3.48 -25.00 -19.84
CA ASP B 184 -4.38 -26.03 -19.30
C ASP B 184 -5.35 -25.58 -18.18
N ALA B 185 -5.14 -24.40 -17.62
CA ALA B 185 -6.11 -23.79 -16.66
C ALA B 185 -7.19 -22.98 -17.37
N VAL B 186 -6.86 -22.45 -18.54
CA VAL B 186 -7.80 -21.66 -19.37
C VAL B 186 -9.19 -22.33 -19.50
N PRO B 187 -9.24 -23.59 -19.98
CA PRO B 187 -10.50 -24.35 -19.98
C PRO B 187 -11.24 -24.34 -18.64
N ARG B 188 -10.50 -24.56 -17.55
CA ARG B 188 -11.08 -24.58 -16.18
C ARG B 188 -11.58 -23.21 -15.74
N PHE B 189 -10.81 -22.16 -16.05
CA PHE B 189 -11.28 -20.77 -15.83
C PHE B 189 -12.55 -20.50 -16.64
N GLU B 190 -12.53 -20.90 -17.92
CA GLU B 190 -13.67 -20.72 -18.82
C GLU B 190 -14.92 -21.47 -18.33
N ALA B 191 -14.73 -22.69 -17.85
CA ALA B 191 -15.83 -23.48 -17.29
C ALA B 191 -16.45 -22.78 -16.07
N LEU B 192 -15.58 -22.28 -15.18
CA LEU B 192 -16.00 -21.55 -13.96
C LEU B 192 -16.77 -20.27 -14.27
N VAL B 193 -16.30 -19.54 -15.27
CA VAL B 193 -16.98 -18.32 -15.75
C VAL B 193 -18.32 -18.65 -16.39
N THR B 194 -18.32 -19.64 -17.28
CA THR B 194 -19.55 -20.21 -17.83
C THR B 194 -20.52 -20.62 -16.71
N SER B 195 -19.99 -21.22 -15.65
CA SER B 195 -20.79 -21.73 -14.51
C SER B 195 -21.42 -20.63 -13.66
N LEU B 196 -20.68 -19.57 -13.36
CA LEU B 196 -21.20 -18.44 -12.60
C LEU B 196 -22.11 -17.51 -13.39
N ARG B 197 -21.82 -17.32 -14.68
CA ARG B 197 -22.70 -16.55 -15.56
C ARG B 197 -24.14 -17.10 -15.45
N GLU B 198 -24.27 -18.41 -15.60
CA GLU B 198 -25.58 -19.11 -15.51
C GLU B 198 -26.41 -18.73 -14.28
N GLN B 199 -25.74 -18.62 -13.13
CA GLN B 199 -26.40 -18.63 -11.80
C GLN B 199 -26.40 -17.30 -11.01
N GLY B 200 -26.12 -16.19 -11.70
CA GLY B 200 -26.32 -14.86 -11.10
C GLY B 200 -25.28 -14.54 -10.04
N THR B 201 -24.03 -14.97 -10.28
CA THR B 201 -22.93 -14.78 -9.32
C THR B 201 -21.62 -14.35 -10.02
N SER B 202 -20.67 -13.99 -9.17
CA SER B 202 -19.37 -13.50 -9.57
C SER B 202 -18.30 -14.01 -8.61
N CYS B 203 -17.03 -13.98 -9.04
CA CYS B 203 -15.92 -14.43 -8.20
C CYS B 203 -14.79 -13.43 -8.16
N GLY B 204 -13.97 -13.58 -7.13
CA GLY B 204 -12.79 -12.76 -6.92
C GLY B 204 -11.66 -13.24 -7.79
N ALA B 205 -10.55 -12.50 -7.76
CA ALA B 205 -9.38 -12.90 -8.51
C ALA B 205 -8.10 -12.51 -7.80
N LYS B 206 -6.99 -13.06 -8.28
CA LYS B 206 -5.67 -12.69 -7.80
C LYS B 206 -4.78 -12.56 -9.00
N LEU B 207 -4.13 -11.41 -9.08
CA LEU B 207 -3.24 -11.09 -10.17
C LEU B 207 -1.84 -11.03 -9.62
N GLU B 208 -0.87 -11.42 -10.46
CA GLU B 208 0.56 -11.20 -10.19
C GLU B 208 1.02 -10.25 -11.26
N ILE B 209 1.78 -9.23 -10.89
CA ILE B 209 2.41 -8.33 -11.86
C ILE B 209 3.90 -8.37 -11.61
N LEU B 210 4.65 -8.47 -12.70
CA LEU B 210 6.08 -8.56 -12.62
C LEU B 210 6.69 -7.37 -13.37
N ALA B 211 7.77 -6.82 -12.83
CA ALA B 211 8.55 -5.84 -13.53
C ALA B 211 9.97 -6.39 -13.63
N GLU B 212 10.43 -6.57 -14.86
CA GLU B 212 11.72 -7.23 -15.09
C GLU B 212 12.72 -6.23 -15.56
N LYS B 213 13.99 -6.51 -15.27
CA LYS B 213 15.11 -5.71 -15.76
C LYS B 213 15.15 -4.30 -15.12
N VAL B 214 14.60 -4.19 -13.89
CA VAL B 214 14.54 -2.93 -13.13
C VAL B 214 15.89 -2.70 -12.48
N PRO B 215 16.55 -1.56 -12.77
CA PRO B 215 17.81 -1.30 -12.07
C PRO B 215 17.72 -1.30 -10.55
N VAL B 216 18.78 -1.76 -9.91
CA VAL B 216 18.98 -1.67 -8.46
C VAL B 216 18.99 -0.20 -8.03
N GLY B 217 18.59 0.06 -6.79
CA GLY B 217 18.66 1.42 -6.20
C GLY B 217 17.41 2.31 -6.06
N TRP B 218 16.29 1.93 -6.69
CA TRP B 218 15.11 2.79 -6.75
C TRP B 218 14.24 2.64 -5.52
N GLY B 219 13.79 3.77 -4.99
CA GLY B 219 12.90 3.81 -3.82
C GLY B 219 13.42 4.79 -2.79
N GLU B 220 12.56 5.23 -1.91
CA GLU B 220 12.91 6.31 -1.01
C GLU B 220 12.42 6.12 0.38
N PRO B 221 13.10 5.26 1.15
CA PRO B 221 12.81 5.16 2.58
C PRO B 221 12.96 6.54 3.21
N VAL B 222 12.31 6.91 4.30
CA VAL B 222 11.49 6.06 5.17
C VAL B 222 10.07 5.82 4.67
N PHE B 223 9.47 6.86 4.11
CA PHE B 223 8.04 6.86 3.84
C PHE B 223 7.69 6.61 2.39
N ASP B 224 8.65 6.79 1.49
CA ASP B 224 8.45 6.55 0.06
C ASP B 224 9.33 5.40 -0.46
N ARG B 225 9.35 4.30 0.29
CA ARG B 225 9.91 3.05 -0.21
C ARG B 225 9.15 2.61 -1.42
N LEU B 226 9.85 1.91 -2.29
CA LEU B 226 9.30 1.51 -3.58
C LEU B 226 8.09 0.55 -3.39
N ASP B 227 8.23 -0.38 -2.47
CA ASP B 227 7.13 -1.23 -2.09
C ASP B 227 5.90 -0.44 -1.52
N ALA B 228 6.15 0.57 -0.70
CA ALA B 228 5.08 1.41 -0.18
C ALA B 228 4.33 2.18 -1.28
N ASP B 229 5.05 2.79 -2.21
CA ASP B 229 4.39 3.46 -3.31
C ASP B 229 3.71 2.48 -4.27
N ILE B 230 4.28 1.28 -4.43
CA ILE B 230 3.63 0.27 -5.24
C ILE B 230 2.29 0.00 -4.60
N ALA B 231 2.27 -0.27 -3.31
CA ALA B 231 1.07 -0.76 -2.63
C ALA B 231 -0.03 0.29 -2.69
N HIS B 232 0.40 1.51 -2.46
CA HIS B 232 -0.40 2.71 -2.63
C HIS B 232 -1.08 2.75 -3.98
N ALA B 233 -0.28 2.66 -5.04
CA ALA B 233 -0.76 2.73 -6.41
C ALA B 233 -1.72 1.59 -6.80
N MET B 234 -1.38 0.36 -6.42
CA MET B 234 -2.24 -0.81 -6.68
C MET B 234 -3.60 -0.66 -6.02
N MET B 235 -3.57 -0.12 -4.82
CA MET B 235 -4.77 0.03 -4.03
C MET B 235 -5.71 1.14 -4.57
N SER B 236 -5.31 1.87 -5.61
CA SER B 236 -6.23 2.77 -6.37
C SER B 236 -7.20 2.00 -7.25
N ILE B 237 -6.92 0.74 -7.50
CA ILE B 237 -7.76 -0.06 -8.38
C ILE B 237 -8.88 -0.59 -7.51
N ASN B 238 -10.09 -0.64 -8.06
CA ASN B 238 -11.28 -0.54 -7.21
C ASN B 238 -11.56 -1.73 -6.27
N ALA B 239 -11.48 -2.95 -6.76
CA ALA B 239 -11.89 -4.07 -5.92
C ALA B 239 -10.69 -4.69 -5.21
N VAL B 240 -9.53 -4.03 -5.20
CA VAL B 240 -8.33 -4.58 -4.54
C VAL B 240 -8.48 -4.63 -3.01
N LYS B 241 -8.26 -5.77 -2.38
CA LYS B 241 -8.32 -5.87 -0.91
C LYS B 241 -6.99 -6.20 -0.26
N GLY B 242 -5.96 -6.41 -1.06
CA GLY B 242 -4.61 -6.70 -0.55
C GLY B 242 -3.53 -6.50 -1.59
N VAL B 243 -2.33 -6.17 -1.13
CA VAL B 243 -1.16 -6.14 -2.01
C VAL B 243 -0.08 -6.86 -1.26
N GLU B 244 0.73 -7.64 -1.98
CA GLU B 244 1.90 -8.25 -1.38
C GLU B 244 3.06 -8.23 -2.34
N ILE B 245 4.25 -8.25 -1.78
CA ILE B 245 5.48 -8.16 -2.54
C ILE B 245 6.25 -9.42 -2.22
N GLY B 246 6.79 -10.04 -3.27
CA GLY B 246 7.54 -11.28 -3.14
C GLY B 246 6.67 -12.41 -2.62
N ASP B 247 7.18 -13.16 -1.67
CA ASP B 247 6.42 -14.28 -1.06
C ASP B 247 5.20 -13.79 -0.36
N GLY B 248 5.24 -12.53 0.07
CA GLY B 248 4.03 -11.85 0.51
C GLY B 248 3.52 -12.36 1.82
N PHE B 249 2.23 -12.69 1.89
CA PHE B 249 1.63 -13.17 3.15
C PHE B 249 2.20 -14.55 3.66
N ALA B 250 2.69 -15.39 2.74
CA ALA B 250 3.34 -16.68 3.09
C ALA B 250 4.42 -16.50 4.14
N VAL B 251 5.11 -15.37 3.99
CA VAL B 251 6.15 -14.94 4.88
C VAL B 251 5.80 -15.09 6.36
N ALA B 252 4.52 -14.89 6.68
CA ALA B 252 4.07 -14.96 8.05
C ALA B 252 4.40 -16.33 8.66
N GLY B 253 4.19 -17.38 7.87
CA GLY B 253 4.51 -18.74 8.26
C GLY B 253 5.90 -19.28 7.94
N GLN B 254 6.83 -18.42 7.55
CA GLN B 254 8.17 -18.87 7.18
C GLN B 254 9.09 -18.81 8.36
N PHE B 255 10.27 -19.41 8.17
CA PHE B 255 11.37 -19.38 9.14
C PHE B 255 12.63 -18.97 8.40
N GLY B 256 13.51 -18.27 9.09
CA GLY B 256 14.72 -17.77 8.46
C GLY B 256 15.75 -18.87 8.42
N GLY B 267 16.69 -23.28 -1.27
CA GLY B 267 16.34 -22.11 -2.07
C GLY B 267 17.53 -21.17 -2.25
N PHE B 268 17.90 -20.93 -3.49
CA PHE B 268 19.13 -20.17 -3.82
C PHE B 268 18.80 -18.69 -4.00
N LEU B 269 18.57 -18.29 -5.25
CA LEU B 269 18.11 -16.99 -5.62
C LEU B 269 16.65 -17.16 -6.03
N ALA B 270 15.80 -17.33 -5.04
CA ALA B 270 14.40 -17.58 -5.32
C ALA B 270 13.57 -16.30 -5.27
N ASN B 271 14.24 -15.16 -5.05
CA ASN B 271 13.55 -13.86 -4.95
C ASN B 271 12.33 -13.91 -4.00
N HIS B 272 12.67 -14.19 -2.75
CA HIS B 272 11.70 -14.16 -1.67
C HIS B 272 11.20 -12.72 -1.42
N ALA B 273 12.11 -11.75 -1.57
CA ALA B 273 11.80 -10.33 -1.43
C ALA B 273 11.03 -9.73 -2.61
N GLY B 274 10.91 -10.45 -3.71
CA GLY B 274 10.16 -9.93 -4.85
C GLY B 274 10.77 -8.67 -5.45
N GLY B 275 12.09 -8.57 -5.35
CA GLY B 275 12.87 -7.54 -6.00
C GLY B 275 13.00 -6.23 -5.23
N ILE B 276 12.64 -6.23 -3.95
CA ILE B 276 12.72 -5.01 -3.13
C ILE B 276 13.20 -5.38 -1.74
N LEU B 277 14.26 -4.70 -1.30
CA LEU B 277 14.92 -4.98 -0.03
C LEU B 277 15.14 -3.71 0.72
N GLY B 278 14.64 -3.63 1.93
CA GLY B 278 14.69 -2.38 2.69
C GLY B 278 14.10 -1.20 1.92
N GLY B 279 13.09 -1.51 1.12
CA GLY B 279 12.37 -0.55 0.31
C GLY B 279 13.00 -0.04 -0.96
N ILE B 280 14.13 -0.63 -1.36
CA ILE B 280 14.83 -0.23 -2.61
C ILE B 280 15.00 -1.40 -3.56
N SER B 281 14.83 -1.19 -4.87
CA SER B 281 14.97 -2.27 -5.87
C SER B 281 16.31 -3.02 -5.73
N SER B 282 16.23 -4.35 -5.89
CA SER B 282 17.36 -5.29 -5.77
C SER B 282 18.24 -5.33 -7.01
N GLY B 283 17.59 -5.22 -8.17
CA GLY B 283 18.07 -5.76 -9.42
C GLY B 283 17.28 -6.95 -9.96
N GLN B 284 16.59 -7.68 -9.08
CA GLN B 284 15.81 -8.87 -9.45
C GLN B 284 14.46 -8.46 -9.98
N THR B 285 13.69 -9.45 -10.40
CA THR B 285 12.41 -9.11 -10.98
C THR B 285 11.52 -8.64 -9.81
N ILE B 286 10.66 -7.69 -10.09
CA ILE B 286 9.77 -7.17 -9.06
C ILE B 286 8.48 -7.96 -9.13
N ARG B 287 8.09 -8.58 -8.03
CA ARG B 287 6.91 -9.41 -8.02
C ARG B 287 5.92 -8.78 -7.08
N VAL B 288 4.74 -8.49 -7.59
CA VAL B 288 3.67 -7.90 -6.81
C VAL B 288 2.43 -8.69 -7.07
N ALA B 289 1.70 -9.04 -6.00
CA ALA B 289 0.38 -9.63 -6.18
C ALA B 289 -0.66 -8.82 -5.49
N ILE B 290 -1.86 -8.83 -6.07
CA ILE B 290 -3.04 -8.18 -5.59
C ILE B 290 -4.24 -9.14 -5.63
N ALA B 291 -5.20 -8.90 -4.73
CA ALA B 291 -6.44 -9.68 -4.66
C ALA B 291 -7.62 -8.77 -4.87
N LEU B 292 -8.41 -9.07 -5.89
CA LEU B 292 -9.61 -8.33 -6.22
C LEU B 292 -10.83 -9.08 -5.74
N LYS B 293 -11.73 -8.37 -5.04
CA LYS B 293 -12.97 -8.98 -4.51
C LYS B 293 -14.04 -9.20 -5.59
N PRO B 294 -15.05 -10.05 -5.31
CA PRO B 294 -16.17 -10.18 -6.25
C PRO B 294 -17.01 -8.90 -6.41
N THR B 295 -17.60 -8.75 -7.60
CA THR B 295 -18.19 -7.51 -8.08
C THR B 295 -19.66 -7.65 -8.43
N ALA B 296 -20.49 -6.75 -7.92
CA ALA B 296 -21.91 -6.66 -8.34
C ALA B 296 -22.03 -6.17 -9.79
N LYS B 317 -31.75 -7.97 -19.57
CA LYS B 317 -30.69 -8.38 -20.51
C LYS B 317 -29.71 -9.36 -19.87
N GLY B 318 -28.79 -9.89 -20.67
CA GLY B 318 -27.75 -10.73 -20.13
C GLY B 318 -26.53 -9.88 -19.87
N ARG B 319 -26.28 -9.47 -18.62
CA ARG B 319 -25.05 -8.76 -18.27
C ARG B 319 -24.00 -9.82 -18.14
N HIS B 320 -22.88 -9.77 -18.87
CA HIS B 320 -21.96 -10.90 -18.88
C HIS B 320 -20.79 -10.53 -17.95
N ASP B 321 -21.07 -10.64 -16.66
CA ASP B 321 -20.23 -10.05 -15.60
C ASP B 321 -19.40 -10.90 -14.60
N PRO B 322 -19.07 -12.16 -14.89
CA PRO B 322 -18.62 -12.99 -13.74
C PRO B 322 -17.28 -12.63 -13.06
N CYS B 323 -16.22 -12.34 -13.80
CA CYS B 323 -14.96 -11.94 -13.17
C CYS B 323 -14.34 -10.72 -13.82
N VAL B 324 -14.85 -9.57 -13.40
CA VAL B 324 -14.34 -8.30 -13.90
C VAL B 324 -12.86 -8.13 -13.50
N GLY B 325 -12.46 -8.75 -12.39
CA GLY B 325 -11.09 -8.67 -11.90
C GLY B 325 -9.98 -9.01 -12.89
N VAL B 326 -10.24 -9.84 -13.89
CA VAL B 326 -9.17 -10.16 -14.84
C VAL B 326 -8.84 -8.92 -15.66
N ARG B 327 -9.86 -8.09 -15.92
CA ARG B 327 -9.71 -6.88 -16.73
C ARG B 327 -8.91 -5.80 -16.03
N ALA B 328 -8.60 -6.02 -14.75
CA ALA B 328 -7.68 -5.18 -13.97
C ALA B 328 -6.19 -5.40 -14.27
N THR B 329 -5.85 -6.41 -15.06
CA THR B 329 -4.45 -6.67 -15.33
C THR B 329 -3.75 -5.46 -15.99
N PRO B 330 -4.33 -4.90 -17.06
CA PRO B 330 -3.66 -3.75 -17.70
C PRO B 330 -3.48 -2.52 -16.79
N ILE B 331 -4.41 -2.32 -15.86
CA ILE B 331 -4.30 -1.16 -14.98
C ILE B 331 -3.30 -1.40 -13.87
N ALA B 332 -3.18 -2.64 -13.41
CA ALA B 332 -2.15 -2.98 -12.45
C ALA B 332 -0.80 -2.88 -13.10
N GLU B 333 -0.69 -3.24 -14.37
CA GLU B 333 0.55 -3.00 -15.09
C GLU B 333 0.84 -1.52 -15.14
N ALA B 334 -0.18 -0.73 -15.54
CA ALA B 334 -0.07 0.74 -15.63
C ALA B 334 0.37 1.40 -14.31
N MET B 335 -0.23 0.99 -13.20
CA MET B 335 0.13 1.57 -11.91
C MET B 335 1.56 1.25 -11.53
N LEU B 336 2.02 0.05 -11.80
CA LEU B 336 3.41 -0.27 -11.46
C LEU B 336 4.42 0.58 -12.31
N ALA B 337 4.07 0.82 -13.57
CA ALA B 337 4.89 1.61 -14.48
C ALA B 337 4.98 3.06 -13.99
N ILE B 338 3.85 3.60 -13.56
CA ILE B 338 3.79 4.96 -13.05
C ILE B 338 4.71 5.14 -11.83
N VAL B 339 4.67 4.18 -10.92
CA VAL B 339 5.48 4.25 -9.72
C VAL B 339 6.95 4.09 -10.10
N LEU B 340 7.27 3.13 -10.94
CA LEU B 340 8.69 2.92 -11.30
C LEU B 340 9.24 4.15 -12.03
N MET B 341 8.43 4.75 -12.90
CA MET B 341 8.87 5.91 -13.64
C MET B 341 9.18 7.02 -12.66
N ASP B 342 8.26 7.24 -11.71
CA ASP B 342 8.48 8.23 -10.70
C ASP B 342 9.80 7.98 -10.01
N HIS B 343 10.07 6.74 -9.58
CA HIS B 343 11.25 6.45 -8.75
C HIS B 343 12.52 6.48 -9.56
N PHE B 344 12.40 6.16 -10.84
CA PHE B 344 13.51 6.37 -11.77
C PHE B 344 13.97 7.80 -11.62
N LEU B 345 13.07 8.72 -11.92
CA LEU B 345 13.42 10.15 -11.92
C LEU B 345 13.95 10.62 -10.56
N ARG B 346 13.39 10.10 -9.47
CA ARG B 346 13.88 10.50 -8.15
C ARG B 346 15.30 10.02 -7.89
N HIS B 347 15.56 8.77 -8.28
CA HIS B 347 16.89 8.20 -8.21
C HIS B 347 17.92 8.97 -9.06
N ARG B 348 17.53 9.36 -10.26
CA ARG B 348 18.37 10.18 -11.11
C ARG B 348 18.65 11.53 -10.46
N ALA B 349 17.61 12.19 -9.98
CA ALA B 349 17.74 13.49 -9.30
C ALA B 349 18.69 13.44 -8.11
N GLN B 350 18.76 12.30 -7.44
CA GLN B 350 19.62 12.11 -6.31
C GLN B 350 21.07 11.70 -6.72
N ASN B 351 21.44 11.67 -8.00
CA ASN B 351 22.76 11.21 -8.43
C ASN B 351 23.62 12.14 -9.25
N ALA B 352 23.28 13.38 -9.46
CA ALA B 352 24.14 14.12 -10.37
C ALA B 352 25.29 14.76 -9.61
#